data_7S3C
#
_entry.id   7S3C
#
_cell.length_a   43.549
_cell.length_b   55.771
_cell.length_c   76.414
_cell.angle_alpha   90.000
_cell.angle_beta   90.000
_cell.angle_gamma   90.000
#
_symmetry.space_group_name_H-M   'P 21 21 21'
#
loop_
_entity.id
_entity.type
_entity.pdbx_description
1 polymer 'Splicing factor U2AF 65 kDa subunit'
2 polymer "DNA/RNA (5'-R(P*UP*UP*(UD)P*AP*U)-D(P*(BRU))-R(P*CP*C)-3')"
3 water water
#
loop_
_entity_poly.entity_id
_entity_poly.type
_entity_poly.pdbx_seq_one_letter_code
_entity_poly.pdbx_strand_id
1 'polypeptide(L)'
;GPLGSQMTRQARRLYVGNIPFGITEEAMMDFFNAQMRLGGLTQAPGNPVLAVQINQDKNFAFLEFRSVDETTQAMAFDGI
IFQGQSLKIRRPHDYQPLPGMSENPSVYVPGVVSTVVPDSAHKLFIGGLPNYLNDDQVKELLTSFGPLKAFNLVKDSATG
LSKGYAFCEYVDINVTDQAIAGLNGMQLGDKKLLVQRASVGAKN
;
A
2 'polydeoxyribonucleotide/polyribonucleotide hybrid' UU(DU)AU(BRU)CC B
#
loop_
_chem_comp.id
_chem_comp.type
_chem_comp.name
_chem_comp.formula
A RNA linking ADENOSINE-5'-MONOPHOSPHATE 'C10 H14 N5 O7 P'
BRU DNA linking 5-BROMO-2'-DEOXYURIDINE-5'-MONOPHOSPHATE 'C9 H12 Br N2 O8 P'
C RNA linking CYTIDINE-5'-MONOPHOSPHATE 'C9 H14 N3 O8 P'
DU DNA linking 2'-DEOXYURIDINE-5'-MONOPHOSPHATE 'C9 H13 N2 O8 P'
U RNA linking URIDINE-5'-MONOPHOSPHATE 'C9 H13 N2 O9 P'
#
# COMPACT_ATOMS: atom_id res chain seq x y z
N GLN A 6 2.75 -1.37 -25.18
CA GLN A 6 3.67 -2.50 -25.18
C GLN A 6 2.91 -3.80 -25.00
N MET A 7 3.25 -4.81 -25.80
CA MET A 7 2.61 -6.12 -25.74
C MET A 7 3.53 -7.22 -25.22
N THR A 8 4.79 -6.89 -24.95
CA THR A 8 5.77 -7.89 -24.53
C THR A 8 5.59 -8.24 -23.06
N ARG A 9 6.46 -9.13 -22.57
CA ARG A 9 6.30 -9.65 -21.21
C ARG A 9 6.45 -8.56 -20.16
N GLN A 10 7.26 -7.53 -20.44
CA GLN A 10 7.39 -6.43 -19.49
CA GLN A 10 7.40 -6.41 -19.52
C GLN A 10 6.06 -5.73 -19.25
N ALA A 11 5.10 -5.85 -20.16
CA ALA A 11 3.78 -5.27 -20.01
C ALA A 11 2.79 -6.26 -19.40
N ARG A 12 3.25 -7.44 -19.00
CA ARG A 12 2.39 -8.45 -18.39
C ARG A 12 2.87 -8.88 -17.00
N ARG A 13 3.72 -8.07 -16.37
CA ARG A 13 4.22 -8.38 -15.04
C ARG A 13 4.14 -7.17 -14.14
N LEU A 14 4.01 -7.42 -12.85
CA LEU A 14 4.01 -6.35 -11.87
C LEU A 14 4.88 -6.70 -10.68
N TYR A 15 5.50 -5.66 -10.13
CA TYR A 15 6.18 -5.74 -8.84
C TYR A 15 5.16 -5.62 -7.72
N VAL A 16 5.27 -6.49 -6.72
CA VAL A 16 4.43 -6.42 -5.53
C VAL A 16 5.33 -6.48 -4.31
N GLY A 17 5.41 -5.38 -3.56
CA GLY A 17 6.21 -5.30 -2.36
C GLY A 17 5.36 -5.39 -1.09
N ASN A 18 6.06 -5.59 0.03
CA ASN A 18 5.42 -5.61 1.34
C ASN A 18 4.48 -6.81 1.48
N ILE A 19 4.86 -7.94 0.91
CA ILE A 19 3.97 -9.10 0.91
C ILE A 19 4.00 -9.76 2.29
N PRO A 20 2.97 -10.52 2.66
CA PRO A 20 2.92 -11.08 4.01
C PRO A 20 4.05 -12.07 4.25
N PHE A 21 4.60 -12.04 5.47
CA PHE A 21 5.63 -12.99 5.85
C PHE A 21 5.14 -14.42 5.63
N GLY A 22 5.97 -15.22 4.97
CA GLY A 22 5.71 -16.64 4.83
C GLY A 22 4.68 -17.01 3.79
N ILE A 23 4.11 -16.05 3.07
CA ILE A 23 3.10 -16.40 2.08
C ILE A 23 3.74 -17.23 0.98
N THR A 24 2.97 -18.18 0.44
CA THR A 24 3.44 -19.02 -0.65
C THR A 24 3.11 -18.38 -1.99
N GLU A 25 3.84 -18.81 -3.03
CA GLU A 25 3.52 -18.36 -4.38
C GLU A 25 2.10 -18.75 -4.76
N GLU A 26 1.65 -19.93 -4.34
CA GLU A 26 0.28 -20.36 -4.62
C GLU A 26 -0.74 -19.45 -3.95
N ALA A 27 -0.49 -19.08 -2.69
CA ALA A 27 -1.44 -18.21 -1.97
C ALA A 27 -1.50 -16.83 -2.61
N MET A 28 -0.35 -16.32 -3.04
CA MET A 28 -0.33 -15.03 -3.73
C MET A 28 -1.13 -15.09 -5.02
N MET A 29 -0.91 -16.14 -5.80
CA MET A 29 -1.67 -16.32 -7.05
C MET A 29 -3.16 -16.40 -6.76
N ASP A 30 -3.55 -17.22 -5.78
CA ASP A 30 -4.97 -17.37 -5.45
C ASP A 30 -5.58 -16.03 -5.05
N PHE A 31 -4.84 -15.25 -4.27
CA PHE A 31 -5.33 -13.96 -3.82
C PHE A 31 -5.62 -13.03 -4.99
N PHE A 32 -4.65 -12.86 -5.88
CA PHE A 32 -4.85 -11.93 -6.98
C PHE A 32 -5.89 -12.45 -7.95
N ASN A 33 -5.94 -13.76 -8.19
CA ASN A 33 -6.97 -14.30 -9.07
C ASN A 33 -8.35 -14.09 -8.46
N ALA A 34 -8.49 -14.31 -7.15
CA ALA A 34 -9.77 -14.08 -6.49
C ALA A 34 -10.17 -12.62 -6.55
N GLN A 35 -9.23 -11.72 -6.22
CA GLN A 35 -9.55 -10.29 -6.22
C GLN A 35 -10.00 -9.84 -7.60
N MET A 36 -9.34 -10.32 -8.65
CA MET A 36 -9.71 -9.87 -9.99
CA MET A 36 -9.69 -9.91 -10.01
C MET A 36 -11.03 -10.49 -10.43
N ARG A 37 -11.23 -11.79 -10.19
CA ARG A 37 -12.47 -12.42 -10.60
C ARG A 37 -13.65 -11.89 -9.80
N LEU A 38 -13.51 -11.82 -8.47
CA LEU A 38 -14.60 -11.34 -7.64
C LEU A 38 -14.86 -9.85 -7.81
N GLY A 39 -13.90 -9.11 -8.33
CA GLY A 39 -14.07 -7.70 -8.63
C GLY A 39 -14.67 -7.43 -9.99
N GLY A 40 -14.89 -8.47 -10.78
CA GLY A 40 -15.41 -8.26 -12.13
C GLY A 40 -14.41 -7.63 -13.06
N LEU A 41 -13.12 -7.89 -12.85
CA LEU A 41 -12.06 -7.17 -13.53
C LEU A 41 -11.32 -8.01 -14.55
N THR A 42 -11.81 -9.20 -14.86
CA THR A 42 -11.18 -10.05 -15.86
C THR A 42 -11.78 -9.78 -17.23
N GLN A 43 -10.97 -10.01 -18.27
CA GLN A 43 -11.37 -9.79 -19.65
C GLN A 43 -11.83 -11.06 -20.34
N ALA A 44 -11.79 -12.20 -19.66
CA ALA A 44 -12.15 -13.49 -20.23
C ALA A 44 -12.33 -14.46 -19.08
N PRO A 45 -13.04 -15.57 -19.31
CA PRO A 45 -13.13 -16.60 -18.26
C PRO A 45 -11.73 -17.08 -17.89
N GLY A 46 -11.62 -17.61 -16.68
CA GLY A 46 -10.38 -18.18 -16.22
C GLY A 46 -9.59 -17.23 -15.34
N ASN A 47 -8.34 -17.64 -15.05
CA ASN A 47 -7.51 -16.92 -14.09
C ASN A 47 -6.56 -15.98 -14.79
N PRO A 48 -6.51 -14.70 -14.40
CA PRO A 48 -5.59 -13.77 -15.07
C PRO A 48 -4.14 -13.92 -14.67
N VAL A 49 -3.85 -14.39 -13.46
CA VAL A 49 -2.48 -14.53 -12.98
C VAL A 49 -1.98 -15.91 -13.34
N LEU A 50 -0.87 -15.95 -14.08
CA LEU A 50 -0.28 -17.20 -14.53
C LEU A 50 0.83 -17.71 -13.61
N ALA A 51 1.57 -16.79 -12.98
CA ALA A 51 2.75 -17.20 -12.22
C ALA A 51 3.09 -16.11 -11.22
N VAL A 52 3.74 -16.53 -10.14
CA VAL A 52 4.24 -15.64 -9.10
C VAL A 52 5.65 -16.10 -8.73
N GLN A 53 6.60 -15.17 -8.74
CA GLN A 53 7.97 -15.42 -8.29
C GLN A 53 8.22 -14.58 -7.06
N ILE A 54 8.47 -15.22 -5.92
CA ILE A 54 8.67 -14.52 -4.65
C ILE A 54 10.15 -14.49 -4.33
N ASN A 55 10.64 -13.32 -3.91
CA ASN A 55 11.95 -13.18 -3.27
C ASN A 55 11.67 -13.06 -1.78
N GLN A 56 11.88 -14.16 -1.04
CA GLN A 56 11.62 -14.14 0.39
C GLN A 56 12.53 -13.16 1.12
N ASP A 57 13.82 -13.16 0.77
CA ASP A 57 14.78 -12.32 1.48
C ASP A 57 14.36 -10.86 1.49
N LYS A 58 13.61 -10.42 0.49
CA LYS A 58 13.23 -9.02 0.35
C LYS A 58 11.72 -8.82 0.36
N ASN A 59 10.96 -9.89 0.60
CA ASN A 59 9.50 -9.81 0.74
C ASN A 59 8.86 -9.03 -0.41
N PHE A 60 9.28 -9.35 -1.64
CA PHE A 60 8.58 -8.87 -2.82
C PHE A 60 8.36 -10.04 -3.76
N ALA A 61 7.42 -9.84 -4.68
CA ALA A 61 7.06 -10.83 -5.68
C ALA A 61 6.93 -10.13 -7.01
N PHE A 62 7.09 -10.90 -8.09
CA PHE A 62 6.68 -10.46 -9.41
C PHE A 62 5.53 -11.35 -9.86
N LEU A 63 4.41 -10.71 -10.21
CA LEU A 63 3.26 -11.40 -10.76
C LEU A 63 3.36 -11.38 -12.27
N GLU A 64 3.01 -12.51 -12.90
CA GLU A 64 2.89 -12.54 -14.35
C GLU A 64 1.43 -12.81 -14.71
N PHE A 65 0.90 -11.99 -15.62
CA PHE A 65 -0.48 -12.06 -16.05
C PHE A 65 -0.56 -12.58 -17.49
N ARG A 66 -1.74 -13.07 -17.85
CA ARG A 66 -1.94 -13.61 -19.19
C ARG A 66 -2.18 -12.53 -20.22
N SER A 67 -2.50 -11.30 -19.81
CA SER A 67 -2.81 -10.25 -20.76
C SER A 67 -2.32 -8.89 -20.29
N VAL A 68 -2.10 -8.00 -21.25
CA VAL A 68 -1.64 -6.65 -20.97
C VAL A 68 -2.71 -5.86 -20.23
N ASP A 69 -3.96 -5.98 -20.65
CA ASP A 69 -5.01 -5.16 -20.06
C ASP A 69 -5.30 -5.58 -18.62
N GLU A 70 -5.25 -6.88 -18.32
CA GLU A 70 -5.46 -7.30 -16.94
C GLU A 70 -4.30 -6.91 -16.04
N THR A 71 -3.08 -6.87 -16.59
CA THR A 71 -1.95 -6.34 -15.84
C THR A 71 -2.18 -4.89 -15.45
N THR A 72 -2.60 -4.06 -16.41
CA THR A 72 -2.89 -2.66 -16.12
C THR A 72 -3.98 -2.54 -15.07
N GLN A 73 -5.02 -3.37 -15.16
CA GLN A 73 -6.09 -3.29 -14.19
C GLN A 73 -5.60 -3.66 -12.80
N ALA A 74 -4.69 -4.64 -12.70
CA ALA A 74 -4.19 -5.05 -11.40
C ALA A 74 -3.43 -3.94 -10.69
N MET A 75 -2.93 -2.95 -11.42
CA MET A 75 -2.29 -1.81 -10.79
CA MET A 75 -2.28 -1.82 -10.77
C MET A 75 -3.23 -1.10 -9.83
N ALA A 76 -4.54 -1.18 -10.09
N ALA A 76 -4.54 -1.17 -10.10
CA ALA A 76 -5.52 -0.50 -9.25
CA ALA A 76 -5.53 -0.50 -9.26
C ALA A 76 -5.67 -1.14 -7.88
C ALA A 76 -5.65 -1.13 -7.87
N PHE A 77 -5.04 -2.30 -7.64
CA PHE A 77 -5.05 -2.92 -6.33
C PHE A 77 -3.92 -2.41 -5.44
N ASP A 78 -3.12 -1.46 -5.91
CA ASP A 78 -2.03 -0.92 -5.09
C ASP A 78 -2.60 -0.43 -3.75
N GLY A 79 -2.10 -1.01 -2.66
CA GLY A 79 -2.54 -0.65 -1.33
C GLY A 79 -3.53 -1.61 -0.70
N ILE A 80 -4.03 -2.59 -1.45
CA ILE A 80 -5.00 -3.51 -0.90
C ILE A 80 -4.41 -4.22 0.33
N ILE A 81 -5.25 -4.43 1.34
CA ILE A 81 -4.82 -5.04 2.59
C ILE A 81 -4.96 -6.55 2.50
N PHE A 82 -3.91 -7.28 2.88
CA PHE A 82 -3.88 -8.72 2.81
C PHE A 82 -3.00 -9.20 3.97
N GLN A 83 -3.61 -9.93 4.91
CA GLN A 83 -2.92 -10.39 6.10
C GLN A 83 -2.17 -9.25 6.78
N GLY A 84 -2.86 -8.11 6.90
CA GLY A 84 -2.38 -6.96 7.64
C GLY A 84 -1.51 -6.01 6.86
N GLN A 85 -1.15 -6.35 5.63
CA GLN A 85 -0.13 -5.64 4.86
C GLN A 85 -0.76 -4.85 3.73
N SER A 86 -0.26 -3.64 3.52
CA SER A 86 -0.60 -2.86 2.33
C SER A 86 0.28 -3.30 1.18
N LEU A 87 -0.26 -4.01 0.21
CA LEU A 87 0.54 -4.47 -0.90
C LEU A 87 0.95 -3.29 -1.78
N LYS A 88 2.26 -3.19 -2.06
CA LYS A 88 2.81 -2.11 -2.86
C LYS A 88 2.97 -2.61 -4.30
N ILE A 89 2.11 -2.14 -5.20
CA ILE A 89 2.07 -2.66 -6.57
C ILE A 89 2.62 -1.61 -7.52
N ARG A 90 3.59 -2.00 -8.34
CA ARG A 90 4.28 -1.09 -9.25
C ARG A 90 4.61 -1.78 -10.56
N ARG A 91 4.83 -0.98 -11.59
CA ARG A 91 5.35 -1.49 -12.85
C ARG A 91 6.79 -1.97 -12.67
N PRO A 92 7.20 -3.00 -13.42
CA PRO A 92 8.63 -3.27 -13.53
C PRO A 92 9.34 -2.02 -14.03
N HIS A 93 10.54 -1.78 -13.54
CA HIS A 93 11.25 -0.57 -13.92
C HIS A 93 11.53 -0.52 -15.43
N ASP A 94 11.54 -1.65 -16.12
CA ASP A 94 11.83 -1.67 -17.55
C ASP A 94 10.57 -1.73 -18.41
N TYR A 95 9.39 -1.63 -17.80
CA TYR A 95 8.16 -1.47 -18.58
C TYR A 95 8.19 -0.16 -19.36
N GLN A 96 7.81 -0.23 -20.63
CA GLN A 96 7.75 0.95 -21.48
C GLN A 96 6.34 1.55 -21.45
N PRO A 97 6.12 2.65 -20.73
CA PRO A 97 4.77 3.23 -20.71
C PRO A 97 4.49 4.13 -21.92
N SER A 106 -7.96 2.41 -16.43
CA SER A 106 -8.04 1.51 -15.30
C SER A 106 -9.30 1.81 -14.49
N VAL A 107 -9.97 0.76 -14.02
CA VAL A 107 -11.16 0.89 -13.20
C VAL A 107 -10.73 0.98 -11.74
N TYR A 108 -11.26 1.97 -11.02
CA TYR A 108 -10.99 2.13 -9.60
C TYR A 108 -11.63 1.00 -8.81
N VAL A 109 -10.88 0.46 -7.85
CA VAL A 109 -11.34 -0.63 -7.01
C VAL A 109 -11.83 -0.03 -5.70
N PRO A 110 -13.11 -0.18 -5.34
CA PRO A 110 -13.60 0.46 -4.11
C PRO A 110 -12.80 0.04 -2.90
N GLY A 111 -12.50 1.02 -2.04
CA GLY A 111 -11.90 0.76 -0.75
C GLY A 111 -10.40 0.67 -0.73
N VAL A 112 -9.75 0.61 -1.89
CA VAL A 112 -8.31 0.44 -1.94
C VAL A 112 -7.64 1.80 -1.84
N VAL A 113 -6.66 1.91 -0.94
CA VAL A 113 -5.95 3.16 -0.66
C VAL A 113 -4.53 3.02 -1.20
N SER A 114 -4.19 3.89 -2.15
CA SER A 114 -2.88 3.88 -2.80
C SER A 114 -1.75 3.99 -1.78
N THR A 115 -0.62 3.36 -2.09
CA THR A 115 0.60 3.52 -1.31
C THR A 115 1.51 4.60 -1.86
N VAL A 116 1.11 5.28 -2.93
CA VAL A 116 1.87 6.39 -3.50
C VAL A 116 1.42 7.66 -2.79
N VAL A 117 2.29 8.22 -1.96
CA VAL A 117 1.95 9.42 -1.18
C VAL A 117 2.86 10.55 -1.61
N PRO A 118 2.52 11.32 -2.65
CA PRO A 118 3.43 12.38 -3.11
C PRO A 118 3.51 13.51 -2.10
N ASP A 119 4.71 14.10 -2.02
CA ASP A 119 4.85 15.36 -1.30
C ASP A 119 3.79 16.33 -1.80
N SER A 120 3.09 16.96 -0.87
CA SER A 120 1.98 17.86 -1.19
C SER A 120 1.70 18.72 0.03
N ALA A 121 0.81 19.70 -0.16
CA ALA A 121 0.50 20.63 0.92
C ALA A 121 0.03 19.92 2.17
N HIS A 122 -0.77 18.87 2.02
CA HIS A 122 -1.46 18.26 3.15
C HIS A 122 -1.04 16.82 3.41
N LYS A 123 0.06 16.38 2.79
CA LYS A 123 0.66 15.12 3.18
C LYS A 123 1.07 15.18 4.64
N LEU A 124 0.69 14.15 5.38
CA LEU A 124 0.98 14.09 6.81
C LEU A 124 2.11 13.12 7.12
N PHE A 125 2.88 13.48 8.15
CA PHE A 125 3.83 12.58 8.79
C PHE A 125 3.23 12.13 10.12
N ILE A 126 3.25 10.82 10.37
CA ILE A 126 2.80 10.25 11.64
C ILE A 126 4.00 9.53 12.25
N GLY A 127 4.58 10.12 13.29
CA GLY A 127 5.72 9.52 13.95
C GLY A 127 5.40 8.97 15.32
N GLY A 128 6.29 8.15 15.85
CA GLY A 128 6.10 7.59 17.17
C GLY A 128 5.19 6.39 17.24
N LEU A 129 4.96 5.72 16.12
CA LEU A 129 4.10 4.55 16.13
C LEU A 129 4.84 3.37 16.74
N PRO A 130 4.20 2.62 17.66
CA PRO A 130 4.78 1.33 18.07
C PRO A 130 5.12 0.48 16.85
N ASN A 131 6.31 -0.12 16.87
CA ASN A 131 6.83 -0.86 15.73
CA ASN A 131 6.80 -0.83 15.70
C ASN A 131 6.08 -2.15 15.47
N TYR A 132 5.28 -2.64 16.41
CA TYR A 132 4.57 -3.90 16.23
C TYR A 132 3.24 -3.73 15.51
N LEU A 133 2.77 -2.50 15.32
CA LEU A 133 1.54 -2.27 14.58
C LEU A 133 1.76 -2.48 13.10
N ASN A 134 0.80 -3.14 12.44
CA ASN A 134 0.92 -3.38 11.01
C ASN A 134 0.17 -2.31 10.22
N ASP A 135 0.24 -2.43 8.89
CA ASP A 135 -0.36 -1.43 8.01
CA ASP A 135 -0.35 -1.41 8.03
C ASP A 135 -1.84 -1.25 8.31
N ASP A 136 -2.57 -2.35 8.43
CA ASP A 136 -4.01 -2.28 8.63
C ASP A 136 -4.35 -1.55 9.91
N GLN A 137 -3.59 -1.80 10.97
CA GLN A 137 -3.88 -1.19 12.26
C GLN A 137 -3.62 0.30 12.24
N VAL A 138 -2.50 0.72 11.66
CA VAL A 138 -2.22 2.15 11.55
C VAL A 138 -3.24 2.83 10.67
N LYS A 139 -3.61 2.20 9.55
CA LYS A 139 -4.61 2.78 8.67
C LYS A 139 -5.95 2.96 9.38
N GLU A 140 -6.34 1.97 10.19
CA GLU A 140 -7.60 2.08 10.92
C GLU A 140 -7.55 3.25 11.91
N LEU A 141 -6.41 3.45 12.54
CA LEU A 141 -6.24 4.61 13.42
C LEU A 141 -6.50 5.90 12.67
N LEU A 142 -5.94 6.03 11.47
CA LEU A 142 -6.05 7.28 10.73
C LEU A 142 -7.44 7.46 10.13
N THR A 143 -8.07 6.37 9.70
CA THR A 143 -9.33 6.51 8.99
CA THR A 143 -9.35 6.45 9.00
C THR A 143 -10.50 6.85 9.90
N SER A 144 -10.32 6.84 11.22
CA SER A 144 -11.40 7.30 12.09
CA SER A 144 -11.38 7.31 12.12
C SER A 144 -11.76 8.75 11.80
N PHE A 145 -10.80 9.56 11.31
CA PHE A 145 -11.03 10.96 11.02
C PHE A 145 -11.64 11.20 9.65
N GLY A 146 -11.44 10.27 8.72
CA GLY A 146 -11.99 10.39 7.40
C GLY A 146 -11.24 9.45 6.49
N PRO A 147 -11.79 9.24 5.29
CA PRO A 147 -11.13 8.32 4.35
C PRO A 147 -9.82 8.85 3.82
N LEU A 148 -8.92 7.92 3.53
CA LEU A 148 -7.58 8.24 3.08
C LEU A 148 -7.50 8.16 1.55
N LYS A 149 -6.77 9.10 0.97
CA LYS A 149 -6.41 9.05 -0.44
C LYS A 149 -5.15 8.25 -0.69
N ALA A 150 -4.24 8.22 0.28
CA ALA A 150 -2.98 7.52 0.13
C ALA A 150 -2.39 7.29 1.52
N PHE A 151 -1.61 6.22 1.64
CA PHE A 151 -1.06 5.82 2.93
C PHE A 151 0.13 4.90 2.72
N ASN A 152 1.20 5.14 3.48
CA ASN A 152 2.29 4.16 3.49
C ASN A 152 2.97 4.16 4.86
N LEU A 153 3.00 2.97 5.46
CA LEU A 153 3.77 2.70 6.68
C LEU A 153 5.17 2.29 6.26
N VAL A 154 6.17 3.00 6.76
CA VAL A 154 7.54 2.79 6.31
C VAL A 154 8.08 1.54 6.98
N LYS A 155 8.58 0.61 6.17
CA LYS A 155 9.10 -0.66 6.64
C LYS A 155 10.61 -0.67 6.53
N ASP A 156 11.23 -1.45 7.41
CA ASP A 156 12.67 -1.68 7.34
C ASP A 156 13.00 -2.46 6.07
N SER A 157 13.95 -1.96 5.29
CA SER A 157 14.36 -2.60 4.04
CA SER A 157 14.33 -2.60 4.04
C SER A 157 15.09 -3.92 4.26
N ALA A 158 15.13 -4.48 5.47
CA ALA A 158 15.80 -5.74 5.71
C ALA A 158 14.92 -6.79 6.38
N THR A 159 13.87 -6.38 7.09
CA THR A 159 12.98 -7.33 7.75
C THR A 159 11.51 -7.20 7.34
N GLY A 160 11.15 -6.13 6.63
CA GLY A 160 9.75 -5.84 6.42
C GLY A 160 9.01 -5.39 7.66
N LEU A 161 9.73 -5.06 8.72
CA LEU A 161 9.13 -4.63 9.96
C LEU A 161 9.05 -3.11 9.99
N SER A 162 8.05 -2.60 10.71
CA SER A 162 7.80 -1.17 10.73
C SER A 162 8.96 -0.40 11.34
N LYS A 163 9.26 0.76 10.75
CA LYS A 163 10.21 1.70 11.31
C LYS A 163 9.57 2.70 12.25
N GLY A 164 8.27 2.59 12.50
CA GLY A 164 7.61 3.41 13.49
C GLY A 164 7.10 4.74 12.99
N TYR A 165 6.99 4.94 11.69
CA TYR A 165 6.36 6.14 11.19
C TYR A 165 5.70 5.87 9.84
N ALA A 166 4.79 6.76 9.47
CA ALA A 166 3.97 6.59 8.29
C ALA A 166 3.70 7.96 7.67
N PHE A 167 3.25 7.93 6.41
CA PHE A 167 2.80 9.11 5.70
C PHE A 167 1.43 8.84 5.12
N CYS A 168 0.62 9.89 5.04
CA CYS A 168 -0.71 9.71 4.48
C CYS A 168 -1.25 11.04 3.97
N GLU A 169 -2.38 10.93 3.26
CA GLU A 169 -3.11 12.09 2.78
CA GLU A 169 -3.11 12.08 2.74
C GLU A 169 -4.59 11.73 2.77
N TYR A 170 -5.39 12.60 3.35
CA TYR A 170 -6.83 12.39 3.42
C TYR A 170 -7.50 12.83 2.12
N VAL A 171 -8.62 12.17 1.80
CA VAL A 171 -9.43 12.58 0.66
C VAL A 171 -9.83 14.04 0.82
N ASP A 172 -10.36 14.37 1.99
CA ASP A 172 -10.78 15.72 2.34
C ASP A 172 -9.61 16.44 3.01
N ILE A 173 -9.03 17.43 2.33
CA ILE A 173 -7.86 18.09 2.90
C ILE A 173 -8.20 18.73 4.24
N ASN A 174 -9.47 19.03 4.50
CA ASN A 174 -9.85 19.66 5.75
C ASN A 174 -9.75 18.69 6.92
N VAL A 175 -9.72 17.39 6.67
CA VAL A 175 -9.51 16.43 7.74
C VAL A 175 -8.10 16.51 8.30
N THR A 176 -7.15 17.02 7.50
CA THR A 176 -5.75 17.05 7.92
C THR A 176 -5.59 17.70 9.29
N ASP A 177 -6.16 18.89 9.47
CA ASP A 177 -6.02 19.58 10.75
C ASP A 177 -6.77 18.87 11.86
N GLN A 178 -7.87 18.18 11.53
CA GLN A 178 -8.61 17.43 12.54
CA GLN A 178 -8.60 17.44 12.56
C GLN A 178 -7.80 16.24 13.03
N ALA A 179 -7.11 15.55 12.12
CA ALA A 179 -6.27 14.42 12.52
C ALA A 179 -5.07 14.89 13.34
N ILE A 180 -4.46 16.01 12.95
CA ILE A 180 -3.39 16.58 13.75
C ILE A 180 -3.89 16.87 15.16
N ALA A 181 -5.03 17.55 15.26
CA ALA A 181 -5.56 17.93 16.58
C ALA A 181 -5.85 16.70 17.42
N GLY A 182 -6.38 15.64 16.80
CA GLY A 182 -6.77 14.47 17.55
C GLY A 182 -5.61 13.58 17.95
N LEU A 183 -4.65 13.42 17.05
CA LEU A 183 -3.60 12.41 17.22
C LEU A 183 -2.28 12.98 17.73
N ASN A 184 -1.95 14.23 17.40
CA ASN A 184 -0.66 14.75 17.79
C ASN A 184 -0.52 14.72 19.31
N GLY A 185 0.57 14.14 19.79
CA GLY A 185 0.82 14.03 21.21
C GLY A 185 0.09 12.92 21.91
N MET A 186 -0.66 12.09 21.19
CA MET A 186 -1.41 11.03 21.84
C MET A 186 -0.49 9.91 22.31
N GLN A 187 -0.72 9.44 23.52
CA GLN A 187 -0.01 8.29 24.06
C GLN A 187 -0.51 7.02 23.37
N LEU A 188 0.43 6.20 22.88
CA LEU A 188 0.09 4.94 22.25
C LEU A 188 1.15 3.93 22.64
N GLY A 189 0.76 2.93 23.44
CA GLY A 189 1.76 2.07 24.05
C GLY A 189 2.69 2.91 24.90
N ASP A 190 3.98 2.69 24.73
CA ASP A 190 5.01 3.45 25.45
C ASP A 190 5.53 4.63 24.64
N LYS A 191 4.81 5.02 23.60
CA LYS A 191 5.26 6.08 22.70
CA LYS A 191 5.26 6.08 22.70
C LYS A 191 4.26 7.24 22.72
N LYS A 192 4.69 8.35 22.13
CA LYS A 192 3.87 9.55 21.98
C LYS A 192 3.88 9.93 20.52
N LEU A 193 2.71 10.05 19.93
CA LEU A 193 2.66 10.30 18.49
C LEU A 193 3.03 11.73 18.16
N LEU A 194 3.71 11.90 17.02
CA LEU A 194 3.95 13.20 16.41
C LEU A 194 3.21 13.21 15.08
N VAL A 195 2.25 14.12 14.92
CA VAL A 195 1.46 14.21 13.70
C VAL A 195 1.51 15.66 13.23
N GLN A 196 2.02 15.86 12.02
CA GLN A 196 2.22 17.19 11.46
C GLN A 196 2.34 17.02 9.95
N ARG A 197 2.14 18.12 9.23
CA ARG A 197 2.37 18.09 7.79
C ARG A 197 3.83 17.68 7.52
N ALA A 198 4.01 16.73 6.60
CA ALA A 198 5.32 16.14 6.38
C ALA A 198 6.34 17.15 5.87
N SER A 199 5.88 18.22 5.22
CA SER A 199 6.81 19.25 4.77
C SER A 199 7.53 19.90 5.95
N VAL A 200 6.93 19.87 7.14
CA VAL A 200 7.47 20.62 8.25
C VAL A 200 8.79 20.02 8.71
N GLY A 201 8.87 18.70 8.81
CA GLY A 201 10.05 18.03 9.28
C GLY A 201 10.85 17.25 8.25
N ALA A 202 10.57 17.44 6.97
CA ALA A 202 11.31 16.74 5.94
C ALA A 202 12.77 17.18 5.92
N LYS A 203 13.64 16.26 5.50
CA LYS A 203 15.06 16.57 5.38
CA LYS A 203 15.05 16.58 5.39
C LYS A 203 15.27 17.73 4.41
N ASN A 204 16.41 18.40 4.58
CA ASN A 204 16.75 19.56 3.76
C ASN A 204 16.33 19.44 2.30
N1 BRU B 6 11.40 -3.18 -8.79
C2 BRU B 6 10.60 -2.88 -9.93
N3 BRU B 6 9.66 -1.93 -9.86
C4 BRU B 6 9.43 -1.26 -8.72
C5 BRU B 6 10.24 -1.53 -7.51
C6 BRU B 6 11.22 -2.53 -7.61
O2 BRU B 6 10.79 -3.46 -11.02
O4 BRU B 6 8.57 -0.36 -8.70
BR BRU B 6 9.90 -0.53 -5.91
C1' BRU B 6 12.43 -4.22 -8.92
C2' BRU B 6 13.84 -3.63 -8.83
C3' BRU B 6 14.67 -4.72 -8.25
C4' BRU B 6 13.66 -5.42 -7.36
O3' BRU B 6 15.04 -5.52 -9.37
O4' BRU B 6 12.36 -5.15 -7.87
C5' BRU B 6 13.76 -4.91 -5.92
O5' BRU B 6 13.97 -3.51 -5.94
P BRU B 6 15.16 -2.83 -5.13
OP1 BRU B 6 16.49 -3.42 -5.45
OP2 BRU B 6 14.98 -1.36 -5.23
H6 BRU B 6 11.77 -2.74 -6.85
H1' BRU B 6 12.29 -4.58 -9.81
H2' BRU B 6 13.84 -2.85 -8.24
H2'' BRU B 6 14.15 -3.39 -9.72
H3' BRU B 6 15.45 -4.46 -7.75
H4' BRU B 6 13.81 -6.39 -7.38
H5' BRU B 6 12.92 -5.10 -5.45
H5'' BRU B 6 14.50 -5.35 -5.45
#